data_4O7T
#
_entry.id   4O7T
#
_cell.length_a   44.180
_cell.length_b   155.290
_cell.length_c   78.200
_cell.angle_alpha   90.000
_cell.angle_beta   90.000
_cell.angle_gamma   90.000
#
_symmetry.space_group_name_H-M   'C 2 2 21'
#
loop_
_entity.id
_entity.type
_entity.pdbx_description
1 polymer 'Phosphoribosylaminoimidazole-succinocarboxamide synthase'
2 non-polymer "THYMIDINE-5'-PHOSPHATE"
3 non-polymer "ADENOSINE-5'-DIPHOSPHATE"
4 non-polymer 'ASPARTIC ACID'
5 non-polymer 'ACETATE ION'
6 water water
#
_entity_poly.entity_id   1
_entity_poly.type   'polypeptide(L)'
_entity_poly.pdbx_seq_one_letter_code
;MVKLMEVYEGKAKKMIPIDDDKLIMEFKDDATAFDGTKKARFKGKGWLNAQLSVIFFKLLEEHGIKTHFIGVAGGNRLIV
EKLDMYPLEVVVRNVVAGSLKKRLPLPEGYELPEPIVELYYKNDELHDPMINYYHAKVLGISLDEIKKIEEIALKVNEIL
KDYLAKKGIILVDFKLEFGKDKNGDIVLADEISPDTCRFWDAKTKRSLDKDVFRFDKGDLIEAYKEIYERITGEKPEF
;
_entity_poly.pdbx_strand_id   A
#
# COMPACT_ATOMS: atom_id res chain seq x y z
N ALA A 12 12.01 5.60 2.28
CA ALA A 12 10.81 6.51 2.46
C ALA A 12 10.17 6.49 3.88
N LYS A 13 10.57 5.53 4.73
CA LYS A 13 10.07 5.44 6.11
C LYS A 13 11.13 4.98 7.13
N LYS A 14 11.07 5.54 8.35
CA LYS A 14 11.88 5.10 9.50
C LYS A 14 11.00 4.48 10.61
N MET A 15 11.50 3.42 11.25
CA MET A 15 10.76 2.73 12.31
C MET A 15 11.52 2.86 13.63
N ILE A 16 10.90 3.51 14.62
CA ILE A 16 11.53 3.79 15.92
C ILE A 16 10.81 3.05 17.05
N PRO A 17 11.46 2.05 17.68
CA PRO A 17 10.83 1.34 18.81
C PRO A 17 10.45 2.27 19.98
N ILE A 18 9.39 1.92 20.69
CA ILE A 18 8.99 2.64 21.90
C ILE A 18 9.16 1.74 23.13
N ASP A 19 8.33 0.70 23.22
CA ASP A 19 8.40 -0.26 24.31
C ASP A 19 8.38 -1.66 23.71
N ASP A 20 7.58 -2.56 24.27
CA ASP A 20 7.40 -3.90 23.70
C ASP A 20 6.19 -3.95 22.76
N ASP A 21 5.25 -3.03 22.96
CA ASP A 21 3.95 -3.11 22.32
C ASP A 21 3.86 -2.28 21.04
N LYS A 22 4.63 -1.20 20.98
CA LYS A 22 4.46 -0.25 19.89
C LYS A 22 5.73 0.34 19.36
N LEU A 23 5.66 0.86 18.14
CA LEU A 23 6.74 1.62 17.58
C LEU A 23 6.26 2.87 16.85
N ILE A 24 7.21 3.70 16.43
CA ILE A 24 6.93 4.90 15.67
C ILE A 24 7.20 4.59 14.21
N MET A 25 6.25 4.94 13.36
CA MET A 25 6.45 4.85 11.92
C MET A 25 6.55 6.27 11.39
N GLU A 26 7.74 6.63 10.91
CA GLU A 26 8.00 7.97 10.41
C GLU A 26 8.16 7.96 8.90
N PHE A 27 7.40 8.83 8.22
CA PHE A 27 7.44 8.94 6.77
C PHE A 27 8.44 10.03 6.33
N LYS A 28 9.34 9.67 5.43
CA LYS A 28 10.40 10.59 4.99
C LYS A 28 10.05 11.17 3.64
N ASP A 29 10.72 12.27 3.28
CA ASP A 29 10.52 12.92 1.99
C ASP A 29 11.23 12.21 0.83
N ASP A 30 11.97 11.15 1.13
CA ASP A 30 12.68 10.36 0.12
C ASP A 30 11.77 9.53 -0.78
N ALA A 31 12.14 9.46 -2.05
CA ALA A 31 11.48 8.59 -3.02
C ALA A 31 12.51 7.79 -3.81
N THR A 32 12.24 6.50 -3.99
CA THR A 32 13.07 5.62 -4.82
C THR A 32 12.22 4.76 -5.76
N ALA A 33 12.80 4.38 -6.88
CA ALA A 33 12.12 3.54 -7.85
C ALA A 33 13.12 2.62 -8.51
N PHE A 34 12.59 1.64 -9.23
CA PHE A 34 13.38 0.69 -10.00
C PHE A 34 14.46 0.06 -9.12
N ASP A 35 13.99 -0.66 -8.11
CA ASP A 35 14.83 -1.34 -7.13
C ASP A 35 15.84 -0.35 -6.55
N GLY A 36 15.34 0.81 -6.13
CA GLY A 36 16.15 1.85 -5.48
C GLY A 36 17.21 2.56 -6.32
N THR A 37 17.22 2.30 -7.63
CA THR A 37 18.21 2.87 -8.55
C THR A 37 17.94 4.34 -8.95
N LYS A 38 16.68 4.76 -8.86
CA LYS A 38 16.30 6.15 -9.11
C LYS A 38 15.92 6.81 -7.78
N LYS A 39 16.50 7.97 -7.49
CA LYS A 39 16.30 8.63 -6.19
C LYS A 39 16.03 10.12 -6.35
N ALA A 40 15.13 10.64 -5.52
CA ALA A 40 14.88 12.07 -5.40
C ALA A 40 14.22 12.35 -4.07
N ARG A 41 14.20 13.62 -3.68
CA ARG A 41 13.56 14.02 -2.43
C ARG A 41 12.48 15.03 -2.76
N PHE A 42 11.32 14.87 -2.15
CA PHE A 42 10.20 15.76 -2.38
C PHE A 42 9.68 16.31 -1.06
N LYS A 43 9.94 17.60 -0.83
CA LYS A 43 9.52 18.28 0.38
C LYS A 43 8.01 18.19 0.52
N GLY A 44 7.57 17.72 1.68
CA GLY A 44 6.15 17.53 1.95
C GLY A 44 5.62 16.13 1.70
N LYS A 45 6.36 15.27 0.99
CA LYS A 45 5.88 13.91 0.65
C LYS A 45 5.64 13.06 1.90
N GLY A 46 6.57 13.11 2.85
CA GLY A 46 6.43 12.42 4.13
C GLY A 46 5.12 12.77 4.80
N TRP A 47 4.80 14.07 4.85
CA TRP A 47 3.56 14.55 5.45
C TRP A 47 2.33 14.05 4.75
N LEU A 48 2.32 14.14 3.42
CA LEU A 48 1.21 13.65 2.62
C LEU A 48 0.96 12.16 2.84
N ASN A 49 2.02 11.36 2.74
CA ASN A 49 1.92 9.91 2.89
C ASN A 49 1.45 9.51 4.30
N ALA A 50 1.97 10.19 5.32
CA ALA A 50 1.54 9.98 6.70
C ALA A 50 0.04 10.21 6.86
N GLN A 51 -0.42 11.38 6.44
CA GLN A 51 -1.82 11.74 6.58
C GLN A 51 -2.73 10.79 5.83
N LEU A 52 -2.34 10.46 4.60
CA LEU A 52 -3.18 9.61 3.79
C LEU A 52 -3.28 8.19 4.34
N SER A 53 -2.18 7.69 4.90
CA SER A 53 -2.17 6.39 5.57
C SER A 53 -3.17 6.41 6.73
N VAL A 54 -3.15 7.49 7.51
CA VAL A 54 -4.06 7.65 8.66
C VAL A 54 -5.52 7.59 8.21
N ILE A 55 -5.85 8.35 7.16
CA ILE A 55 -7.20 8.35 6.60
C ILE A 55 -7.62 6.95 6.11
N PHE A 56 -6.74 6.26 5.39
CA PHE A 56 -7.08 4.92 4.91
C PHE A 56 -7.23 3.92 6.06
N PHE A 57 -6.31 3.94 7.02
CA PHE A 57 -6.41 3.01 8.16
C PHE A 57 -7.70 3.22 8.96
N LYS A 58 -8.05 4.48 9.20
CA LYS A 58 -9.29 4.82 9.88
C LYS A 58 -10.50 4.34 9.11
N LEU A 59 -10.52 4.56 7.79
CA LEU A 59 -11.62 4.06 6.96
C LEU A 59 -11.78 2.54 7.13
N LEU A 60 -10.67 1.82 6.97
CA LEU A 60 -10.63 0.36 7.06
C LEU A 60 -11.04 -0.17 8.43
N GLU A 61 -10.55 0.47 9.49
CA GLU A 61 -10.93 0.14 10.86
C GLU A 61 -12.45 0.24 11.08
N GLU A 62 -13.07 1.30 10.57
CA GLU A 62 -14.53 1.46 10.66
C GLU A 62 -15.26 0.34 9.97
N HIS A 63 -14.60 -0.25 8.97
CA HIS A 63 -15.17 -1.35 8.21
C HIS A 63 -14.79 -2.69 8.76
N GLY A 64 -14.20 -2.69 9.94
CA GLY A 64 -13.87 -3.95 10.64
C GLY A 64 -12.58 -4.63 10.20
N ILE A 65 -11.67 -3.88 9.58
CA ILE A 65 -10.34 -4.38 9.21
C ILE A 65 -9.40 -4.11 10.37
N LYS A 66 -8.76 -5.14 10.90
CA LYS A 66 -7.75 -4.97 11.95
C LYS A 66 -6.49 -4.39 11.34
N THR A 67 -6.10 -3.19 11.76
CA THR A 67 -4.84 -2.60 11.30
C THR A 67 -3.92 -2.35 12.47
N HIS A 68 -2.67 -1.97 12.18
CA HIS A 68 -1.70 -1.65 13.22
C HIS A 68 -1.75 -0.21 13.69
N PHE A 69 -2.60 0.62 13.09
CA PHE A 69 -2.70 2.03 13.47
C PHE A 69 -3.12 2.17 14.95
N ILE A 70 -2.32 2.87 15.75
CA ILE A 70 -2.77 3.27 17.10
C ILE A 70 -3.11 4.78 17.14
N GLY A 71 -2.16 5.61 16.75
CA GLY A 71 -2.40 7.03 16.72
C GLY A 71 -1.36 7.81 15.95
N VAL A 72 -1.42 9.13 16.13
CA VAL A 72 -0.51 10.05 15.46
C VAL A 72 0.47 10.65 16.47
N ALA A 73 1.72 10.85 16.05
CA ALA A 73 2.76 11.38 16.94
C ALA A 73 3.32 12.70 16.41
N GLY A 74 2.45 13.49 15.78
CA GLY A 74 2.83 14.81 15.27
C GLY A 74 3.60 14.77 13.97
N GLY A 75 3.09 15.47 12.97
CA GLY A 75 3.79 15.67 11.70
C GLY A 75 3.78 14.49 10.74
N ASN A 76 4.92 13.81 10.66
CA ASN A 76 5.11 12.71 9.74
C ASN A 76 5.18 11.35 10.42
N ARG A 77 4.87 11.31 11.72
CA ARG A 77 5.04 10.10 12.54
C ARG A 77 3.69 9.51 12.99
N LEU A 78 3.56 8.20 12.84
CA LEU A 78 2.38 7.50 13.37
C LEU A 78 2.79 6.54 14.47
N ILE A 79 1.89 6.34 15.43
CA ILE A 79 2.08 5.31 16.46
C ILE A 79 1.37 4.06 15.96
N VAL A 80 2.11 2.97 15.90
CA VAL A 80 1.56 1.70 15.42
C VAL A 80 1.90 0.53 16.33
N GLU A 81 1.06 -0.49 16.27
CA GLU A 81 1.28 -1.74 16.95
C GLU A 81 2.46 -2.49 16.35
N LYS A 82 3.38 -2.93 17.21
CA LYS A 82 4.46 -3.81 16.82
C LYS A 82 3.89 -5.19 16.47
N LEU A 83 4.31 -5.73 15.33
CA LEU A 83 3.84 -7.03 14.88
C LEU A 83 5.00 -7.92 14.44
N ASP A 84 4.75 -9.22 14.47
CA ASP A 84 5.63 -10.17 13.83
CA ASP A 84 5.63 -10.19 13.82
C ASP A 84 5.27 -10.17 12.34
N MET A 85 6.06 -9.48 11.53
CA MET A 85 5.74 -9.28 10.10
C MET A 85 5.88 -10.53 9.26
N TYR A 86 4.91 -10.75 8.37
CA TYR A 86 5.07 -11.73 7.31
C TYR A 86 6.03 -11.14 6.29
N PRO A 87 6.95 -11.96 5.75
CA PRO A 87 7.84 -11.43 4.71
C PRO A 87 7.15 -11.38 3.33
N LEU A 88 6.04 -10.65 3.22
CA LEU A 88 5.25 -10.57 1.99
C LEU A 88 4.88 -9.15 1.59
N GLU A 89 4.80 -8.95 0.28
CA GLU A 89 4.07 -7.82 -0.27
C GLU A 89 2.88 -8.43 -1.01
N VAL A 90 1.68 -8.01 -0.64
CA VAL A 90 0.45 -8.59 -1.17
C VAL A 90 -0.17 -7.54 -2.09
N VAL A 91 -0.22 -7.85 -3.38
CA VAL A 91 -0.63 -6.88 -4.34
C VAL A 91 -2.03 -7.24 -4.87
N VAL A 92 -2.94 -6.27 -4.80
CA VAL A 92 -4.27 -6.45 -5.37
C VAL A 92 -4.40 -5.57 -6.61
N ARG A 93 -4.95 -6.13 -7.69
CA ARG A 93 -4.99 -5.46 -8.99
C ARG A 93 -6.38 -5.51 -9.63
N ASN A 94 -6.89 -4.35 -10.02
CA ASN A 94 -8.22 -4.19 -10.64
C ASN A 94 -8.12 -3.86 -12.13
N VAL A 95 -7.10 -3.08 -12.48
CA VAL A 95 -6.91 -2.57 -13.83
C VAL A 95 -5.46 -2.90 -14.22
N VAL A 96 -5.24 -3.39 -15.44
CA VAL A 96 -3.88 -3.74 -15.89
C VAL A 96 -2.95 -2.54 -15.94
N ALA A 97 -1.82 -2.68 -15.25
CA ALA A 97 -0.78 -1.64 -15.20
C ALA A 97 0.52 -2.26 -14.71
N GLY A 98 1.62 -1.53 -14.83
CA GLY A 98 2.90 -1.95 -14.25
C GLY A 98 3.34 -3.34 -14.67
N SER A 99 3.83 -4.12 -13.71
CA SER A 99 4.41 -5.44 -14.00
C SER A 99 3.39 -6.46 -14.53
N LEU A 100 2.10 -6.23 -14.28
CA LEU A 100 1.07 -7.14 -14.81
C LEU A 100 1.07 -7.30 -16.35
N LYS A 101 1.53 -6.26 -17.05
CA LYS A 101 1.66 -6.29 -18.51
C LYS A 101 2.68 -7.32 -18.99
N LYS A 102 3.60 -7.74 -18.11
CA LYS A 102 4.55 -8.82 -18.39
C LYS A 102 4.00 -10.22 -18.09
N ARG A 103 2.85 -10.32 -17.44
CA ARG A 103 2.31 -11.64 -17.13
C ARG A 103 1.10 -12.02 -17.96
N LEU A 104 0.38 -11.00 -18.43
CA LEU A 104 -0.85 -11.17 -19.20
C LEU A 104 -0.76 -10.31 -20.45
N PRO A 105 -1.18 -10.86 -21.61
CA PRO A 105 -1.04 -10.16 -22.89
C PRO A 105 -2.15 -9.11 -23.05
N LEU A 106 -2.22 -8.20 -22.09
CA LEU A 106 -3.35 -7.29 -22.01
C LEU A 106 -2.83 -5.87 -21.92
N PRO A 107 -3.55 -4.89 -22.52
CA PRO A 107 -3.00 -3.54 -22.52
C PRO A 107 -3.18 -2.82 -21.18
N GLU A 108 -2.31 -1.85 -20.93
CA GLU A 108 -2.44 -0.87 -19.87
C GLU A 108 -3.85 -0.30 -19.87
N GLY A 109 -4.55 -0.38 -18.74
CA GLY A 109 -5.92 0.16 -18.67
C GLY A 109 -7.03 -0.85 -18.86
N TYR A 110 -6.67 -2.06 -19.28
CA TYR A 110 -7.64 -3.15 -19.35
C TYR A 110 -8.30 -3.39 -18.00
N GLU A 111 -9.63 -3.39 -17.99
CA GLU A 111 -10.39 -3.66 -16.78
C GLU A 111 -10.49 -5.17 -16.52
N LEU A 112 -9.92 -5.63 -15.41
CA LEU A 112 -9.97 -7.06 -15.09
C LEU A 112 -11.38 -7.54 -14.75
N PRO A 113 -11.75 -8.78 -15.16
CA PRO A 113 -13.09 -9.28 -14.88
C PRO A 113 -13.30 -9.51 -13.38
N GLU A 114 -12.20 -9.70 -12.64
CA GLU A 114 -12.25 -9.77 -11.19
C GLU A 114 -10.84 -9.47 -10.65
N PRO A 115 -10.72 -9.11 -9.37
CA PRO A 115 -9.39 -8.70 -8.90
C PRO A 115 -8.36 -9.83 -8.95
N ILE A 116 -7.10 -9.47 -9.19
CA ILE A 116 -5.99 -10.40 -9.10
C ILE A 116 -5.19 -10.14 -7.82
N VAL A 117 -4.87 -11.19 -7.07
CA VAL A 117 -4.01 -11.06 -5.88
C VAL A 117 -2.68 -11.71 -6.22
N GLU A 118 -1.59 -10.98 -6.02
CA GLU A 118 -0.24 -11.51 -6.22
C GLU A 118 0.53 -11.47 -4.90
N LEU A 119 1.34 -12.50 -4.66
CA LEU A 119 2.22 -12.56 -3.50
C LEU A 119 3.64 -12.36 -3.93
N TYR A 120 4.36 -11.48 -3.22
CA TYR A 120 5.79 -11.26 -3.44
C TYR A 120 6.55 -11.50 -2.15
N TYR A 121 7.64 -12.23 -2.26
CA TYR A 121 8.47 -12.53 -1.10
C TYR A 121 9.41 -11.33 -0.85
N LYS A 122 9.27 -10.70 0.31
CA LYS A 122 10.13 -9.56 0.68
C LYS A 122 11.54 -10.04 0.98
N ASN A 123 12.43 -9.90 0.00
CA ASN A 123 13.79 -10.39 0.14
C ASN A 123 14.71 -9.59 -0.77
N ASP A 124 15.71 -8.94 -0.18
CA ASP A 124 16.65 -8.07 -0.93
C ASP A 124 17.59 -8.85 -1.81
N GLU A 125 18.19 -9.90 -1.26
CA GLU A 125 19.04 -10.80 -2.02
C GLU A 125 18.36 -11.16 -3.35
N LEU A 126 17.04 -11.41 -3.29
CA LEU A 126 16.31 -11.94 -4.45
C LEU A 126 15.46 -10.91 -5.18
N HIS A 127 15.48 -9.67 -4.72
CA HIS A 127 14.71 -8.57 -5.33
C HIS A 127 13.23 -8.84 -5.39
N ASP A 128 12.67 -9.25 -4.25
CA ASP A 128 11.22 -9.40 -4.08
C ASP A 128 10.52 -10.23 -5.16
N PRO A 129 10.91 -11.51 -5.30
CA PRO A 129 10.32 -12.30 -6.39
C PRO A 129 8.86 -12.67 -6.10
N MET A 130 8.06 -12.80 -7.17
CA MET A 130 6.72 -13.34 -7.02
C MET A 130 6.78 -14.78 -6.51
N ILE A 131 5.86 -15.13 -5.62
CA ILE A 131 5.74 -16.50 -5.16
C ILE A 131 4.29 -16.92 -5.18
N ASN A 132 4.07 -18.22 -4.98
CA ASN A 132 2.72 -18.74 -4.77
C ASN A 132 2.55 -19.37 -3.35
N TYR A 133 1.42 -20.02 -3.11
CA TYR A 133 1.11 -20.59 -1.78
C TYR A 133 2.11 -21.66 -1.37
N TYR A 134 2.68 -22.35 -2.35
CA TYR A 134 3.59 -23.46 -2.05
C TYR A 134 4.94 -22.92 -1.56
N HIS A 135 5.45 -21.90 -2.25
CA HIS A 135 6.69 -21.26 -1.80
C HIS A 135 6.43 -20.69 -0.41
N ALA A 136 5.27 -20.05 -0.22
CA ALA A 136 4.92 -19.48 1.06
C ALA A 136 4.95 -20.51 2.21
N LYS A 137 4.38 -21.69 1.98
CA LYS A 137 4.44 -22.78 2.94
C LYS A 137 5.90 -23.12 3.32
N VAL A 138 6.79 -23.19 2.32
CA VAL A 138 8.21 -23.46 2.59
C VAL A 138 8.82 -22.35 3.45
N LEU A 139 8.32 -21.13 3.28
CA LEU A 139 8.78 -19.98 4.07
C LEU A 139 8.14 -19.92 5.46
N GLY A 140 7.29 -20.90 5.77
CA GLY A 140 6.69 -21.04 7.11
C GLY A 140 5.31 -20.44 7.24
N ILE A 141 4.66 -20.17 6.11
CA ILE A 141 3.34 -19.53 6.11
C ILE A 141 2.33 -20.54 5.61
N SER A 142 1.43 -20.95 6.51
CA SER A 142 0.46 -21.98 6.26
C SER A 142 -0.57 -21.54 5.23
N LEU A 143 -1.22 -22.52 4.62
CA LEU A 143 -2.28 -22.25 3.66
C LEU A 143 -3.42 -21.46 4.29
N ASP A 144 -3.79 -21.82 5.52
CA ASP A 144 -4.83 -21.11 6.28
CA ASP A 144 -4.86 -21.09 6.19
C ASP A 144 -4.49 -19.62 6.41
N GLU A 145 -3.23 -19.34 6.73
CA GLU A 145 -2.76 -17.98 6.89
C GLU A 145 -2.82 -17.19 5.57
N ILE A 146 -2.31 -17.79 4.49
CA ILE A 146 -2.35 -17.18 3.15
C ILE A 146 -3.80 -16.84 2.78
N LYS A 147 -4.69 -17.81 2.95
CA LYS A 147 -6.12 -17.62 2.71
C LYS A 147 -6.76 -16.46 3.51
N LYS A 148 -6.48 -16.37 4.81
CA LYS A 148 -6.93 -15.23 5.63
C LYS A 148 -6.37 -13.90 5.08
N ILE A 149 -5.07 -13.90 4.76
CA ILE A 149 -4.40 -12.71 4.18
C ILE A 149 -5.08 -12.26 2.88
N GLU A 150 -5.33 -13.18 1.96
CA GLU A 150 -5.96 -12.79 0.67
C GLU A 150 -7.41 -12.34 0.87
N GLU A 151 -8.10 -12.95 1.81
CA GLU A 151 -9.48 -12.57 2.19
C GLU A 151 -9.51 -11.12 2.67
N ILE A 152 -8.60 -10.77 3.58
CA ILE A 152 -8.52 -9.39 4.07
C ILE A 152 -8.17 -8.42 2.94
N ALA A 153 -7.15 -8.75 2.14
CA ALA A 153 -6.69 -7.90 1.02
C ALA A 153 -7.85 -7.58 0.05
N LEU A 154 -8.64 -8.60 -0.26
CA LEU A 154 -9.77 -8.44 -1.19
C LEU A 154 -10.88 -7.59 -0.58
N LYS A 155 -11.07 -7.70 0.74
CA LYS A 155 -12.03 -6.86 1.46
C LYS A 155 -11.53 -5.40 1.47
N VAL A 156 -10.24 -5.21 1.79
CA VAL A 156 -9.60 -3.90 1.68
C VAL A 156 -9.78 -3.29 0.27
N ASN A 157 -9.52 -4.09 -0.77
CA ASN A 157 -9.77 -3.67 -2.14
C ASN A 157 -11.18 -3.09 -2.34
N GLU A 158 -12.20 -3.85 -1.93
CA GLU A 158 -13.59 -3.45 -2.07
C GLU A 158 -13.87 -2.09 -1.45
N ILE A 159 -13.45 -1.93 -0.19
CA ILE A 159 -13.67 -0.72 0.58
C ILE A 159 -12.96 0.48 -0.03
N LEU A 160 -11.65 0.33 -0.29
CA LEU A 160 -10.88 1.41 -0.91
C LEU A 160 -11.42 1.78 -2.29
N LYS A 161 -11.68 0.78 -3.14
CA LYS A 161 -12.12 1.09 -4.50
C LYS A 161 -13.49 1.81 -4.54
N ASP A 162 -14.44 1.38 -3.70
CA ASP A 162 -15.76 2.02 -3.59
C ASP A 162 -15.62 3.44 -3.10
N TYR A 163 -14.89 3.59 -2.01
CA TYR A 163 -14.65 4.89 -1.40
C TYR A 163 -13.98 5.86 -2.37
N LEU A 164 -12.99 5.38 -3.13
CA LEU A 164 -12.29 6.24 -4.08
C LEU A 164 -13.12 6.52 -5.32
N ALA A 165 -13.90 5.54 -5.78
CA ALA A 165 -14.71 5.68 -7.00
C ALA A 165 -15.74 6.81 -6.86
N LYS A 166 -16.26 6.96 -5.64
CA LYS A 166 -17.17 8.05 -5.32
C LYS A 166 -16.46 9.40 -5.45
N LYS A 167 -15.14 9.42 -5.34
CA LYS A 167 -14.39 10.67 -5.44
C LYS A 167 -13.72 10.84 -6.79
N GLY A 168 -14.16 10.06 -7.77
CA GLY A 168 -13.63 10.14 -9.12
C GLY A 168 -12.20 9.63 -9.24
N ILE A 169 -11.86 8.64 -8.43
CA ILE A 169 -10.53 8.03 -8.49
C ILE A 169 -10.69 6.52 -8.68
N ILE A 170 -10.04 6.01 -9.73
CA ILE A 170 -9.94 4.58 -9.97
C ILE A 170 -8.78 3.99 -9.18
N LEU A 171 -9.08 3.02 -8.33
CA LEU A 171 -8.02 2.26 -7.67
C LEU A 171 -7.54 1.15 -8.61
N VAL A 172 -6.39 1.40 -9.23
CA VAL A 172 -5.86 0.55 -10.30
C VAL A 172 -5.28 -0.74 -9.69
N ASP A 173 -4.37 -0.58 -8.72
CA ASP A 173 -3.73 -1.68 -8.00
C ASP A 173 -3.09 -1.11 -6.75
N PHE A 174 -2.62 -1.96 -5.83
CA PHE A 174 -1.97 -1.47 -4.60
C PHE A 174 -1.27 -2.59 -3.85
N LYS A 175 -0.35 -2.21 -2.98
CA LYS A 175 0.43 -3.18 -2.22
C LYS A 175 0.13 -3.07 -0.72
N LEU A 176 -0.11 -4.23 -0.09
CA LEU A 176 -0.28 -4.31 1.36
C LEU A 176 0.78 -5.18 2.03
N GLU A 177 0.97 -4.96 3.34
CA GLU A 177 1.79 -5.86 4.12
C GLU A 177 1.07 -6.19 5.43
N PHE A 178 1.44 -7.32 6.01
CA PHE A 178 0.73 -7.87 7.15
C PHE A 178 1.68 -8.42 8.20
N GLY A 179 1.21 -8.43 9.44
CA GLY A 179 1.92 -9.08 10.52
C GLY A 179 0.96 -9.79 11.46
N LYS A 180 1.52 -10.54 12.38
CA LYS A 180 0.74 -11.29 13.35
C LYS A 180 0.87 -10.59 14.70
N ASP A 181 -0.25 -10.38 15.41
CA ASP A 181 -0.21 -9.79 16.75
C ASP A 181 -0.01 -10.86 17.82
N LYS A 182 0.01 -10.46 19.09
CA LYS A 182 0.28 -11.43 20.16
C LYS A 182 -0.80 -12.50 20.32
N ASN A 183 -2.03 -12.20 19.90
CA ASN A 183 -3.10 -13.20 19.85
C ASN A 183 -3.05 -14.11 18.63
N GLY A 184 -2.03 -13.94 17.79
CA GLY A 184 -1.94 -14.68 16.55
C GLY A 184 -2.91 -14.24 15.47
N ASP A 185 -3.54 -13.06 15.64
CA ASP A 185 -4.42 -12.50 14.60
C ASP A 185 -3.60 -11.82 13.50
N ILE A 186 -4.14 -11.86 12.29
CA ILE A 186 -3.51 -11.24 11.14
C ILE A 186 -3.91 -9.77 11.01
N VAL A 187 -2.92 -8.87 11.09
CA VAL A 187 -3.16 -7.43 11.18
C VAL A 187 -2.49 -6.70 10.00
N LEU A 188 -3.24 -5.80 9.38
CA LEU A 188 -2.75 -4.98 8.28
C LEU A 188 -1.73 -4.01 8.81
N ALA A 189 -0.60 -3.89 8.10
CA ALA A 189 0.54 -3.14 8.61
C ALA A 189 1.11 -2.14 7.58
N ASP A 190 2.36 -1.73 7.78
CA ASP A 190 3.05 -0.81 6.86
C ASP A 190 2.21 0.44 6.55
N GLU A 191 2.12 0.79 5.26
CA GLU A 191 1.47 2.03 4.85
C GLU A 191 0.46 1.78 3.75
N ILE A 192 -0.41 2.77 3.54
CA ILE A 192 -1.25 2.84 2.35
C ILE A 192 -1.24 4.30 1.89
N SER A 193 -0.55 4.57 0.79
CA SER A 193 -0.30 5.93 0.32
C SER A 193 -0.17 5.92 -1.19
N PRO A 194 -0.03 7.11 -1.83
CA PRO A 194 0.22 7.12 -3.28
C PRO A 194 1.57 6.51 -3.66
N ASP A 195 2.44 6.24 -2.68
CA ASP A 195 3.66 5.43 -2.90
C ASP A 195 3.34 3.96 -3.18
N THR A 196 2.28 3.46 -2.54
CA THR A 196 2.01 2.01 -2.56
C THR A 196 0.70 1.61 -3.27
N CYS A 197 0.10 2.59 -3.96
CA CYS A 197 -1.13 2.38 -4.77
C CYS A 197 -0.99 3.05 -6.12
N ARG A 198 -1.76 2.59 -7.09
CA ARG A 198 -2.00 3.34 -8.31
C ARG A 198 -3.39 3.98 -8.24
N PHE A 199 -3.42 5.30 -8.41
CA PHE A 199 -4.65 6.09 -8.42
C PHE A 199 -4.76 6.82 -9.76
N TRP A 200 -5.82 6.53 -10.53
CA TRP A 200 -6.07 7.25 -11.78
C TRP A 200 -7.28 8.14 -11.70
N ASP A 201 -7.21 9.32 -12.30
CA ASP A 201 -8.43 10.13 -12.43
C ASP A 201 -9.41 9.37 -13.30
N ALA A 202 -10.68 9.30 -12.86
CA ALA A 202 -11.70 8.49 -13.55
C ALA A 202 -11.95 8.96 -14.99
N LYS A 203 -11.76 10.25 -15.20
CA LYS A 203 -12.03 10.90 -16.48
C LYS A 203 -10.84 10.84 -17.45
N THR A 204 -9.70 11.37 -17.00
CA THR A 204 -8.54 11.55 -17.86
C THR A 204 -7.68 10.30 -17.86
N LYS A 205 -7.94 9.39 -16.92
CA LYS A 205 -7.12 8.18 -16.71
C LYS A 205 -5.66 8.53 -16.35
N ARG A 206 -5.42 9.73 -15.81
CA ARG A 206 -4.04 10.12 -15.50
C ARG A 206 -3.64 9.79 -14.05
N SER A 207 -2.36 9.55 -13.85
CA SER A 207 -1.82 9.05 -12.59
C SER A 207 -1.77 10.13 -11.53
N LEU A 208 -2.30 9.80 -10.35
CA LEU A 208 -2.15 10.65 -9.18
C LEU A 208 -1.41 9.86 -8.07
N ASP A 209 -0.18 9.45 -8.39
CA ASP A 209 0.56 8.49 -7.55
C ASP A 209 2.04 8.49 -7.91
N LYS A 210 2.78 7.51 -7.36
CA LYS A 210 4.23 7.45 -7.52
C LYS A 210 4.69 7.26 -8.98
N ASP A 211 3.78 6.82 -9.85
CA ASP A 211 4.07 6.66 -11.28
C ASP A 211 4.47 7.98 -11.95
N VAL A 212 3.94 9.09 -11.42
CA VAL A 212 4.36 10.44 -11.80
C VAL A 212 5.89 10.62 -11.64
N PHE A 213 6.43 10.12 -10.52
CA PHE A 213 7.89 10.12 -10.31
C PHE A 213 8.57 9.00 -11.09
N ARG A 214 7.98 7.80 -11.08
CA ARG A 214 8.59 6.66 -11.78
C ARG A 214 8.86 6.95 -13.26
N PHE A 215 7.90 7.60 -13.93
CA PHE A 215 7.97 7.78 -15.39
C PHE A 215 7.95 9.24 -15.84
N ASP A 216 8.26 10.16 -14.93
CA ASP A 216 8.34 11.60 -15.22
C ASP A 216 7.06 12.13 -15.85
N LYS A 217 5.92 11.76 -15.27
CA LYS A 217 4.61 12.14 -15.79
C LYS A 217 4.17 13.52 -15.32
N GLY A 218 5.03 14.19 -14.54
CA GLY A 218 4.71 15.50 -13.99
C GLY A 218 5.29 15.70 -12.60
N ASP A 219 4.74 16.65 -11.86
CA ASP A 219 5.22 16.92 -10.51
C ASP A 219 4.54 16.03 -9.48
N LEU A 220 5.34 15.26 -8.76
CA LEU A 220 4.87 14.31 -7.75
C LEU A 220 4.02 15.00 -6.67
N ILE A 221 4.58 16.06 -6.06
CA ILE A 221 3.91 16.79 -4.99
C ILE A 221 2.51 17.29 -5.41
N GLU A 222 2.42 17.92 -6.58
CA GLU A 222 1.12 18.35 -7.13
C GLU A 222 0.11 17.19 -7.22
N ALA A 223 0.56 16.06 -7.75
CA ALA A 223 -0.28 14.87 -7.86
C ALA A 223 -0.74 14.36 -6.48
N TYR A 224 0.18 14.32 -5.51
CA TYR A 224 -0.13 13.87 -4.14
C TYR A 224 -1.07 14.86 -3.42
N LYS A 225 -0.84 16.16 -3.63
CA LYS A 225 -1.74 17.21 -3.10
C LYS A 225 -3.15 17.03 -3.64
N GLU A 226 -3.26 16.81 -4.94
CA GLU A 226 -4.54 16.61 -5.61
C GLU A 226 -5.32 15.45 -4.99
N ILE A 227 -4.66 14.31 -4.82
CA ILE A 227 -5.24 13.15 -4.14
C ILE A 227 -5.74 13.51 -2.75
N TYR A 228 -4.87 14.16 -1.97
CA TYR A 228 -5.21 14.61 -0.65
C TYR A 228 -6.48 15.48 -0.67
N GLU A 229 -6.50 16.46 -1.58
CA GLU A 229 -7.62 17.39 -1.68
C GLU A 229 -8.90 16.70 -2.09
N ARG A 230 -8.80 15.80 -3.06
CA ARG A 230 -9.97 15.10 -3.58
C ARG A 230 -10.57 14.10 -2.61
N ILE A 231 -9.75 13.68 -1.65
CA ILE A 231 -10.18 12.76 -0.58
C ILE A 231 -10.72 13.54 0.62
N THR A 232 -10.01 14.58 1.03
CA THR A 232 -10.36 15.30 2.27
C THR A 232 -11.30 16.50 2.07
N GLY A 233 -11.37 17.01 0.84
CA GLY A 233 -12.10 18.25 0.56
C GLY A 233 -11.36 19.50 1.01
N GLU A 234 -10.24 19.32 1.72
CA GLU A 234 -9.43 20.42 2.23
C GLU A 234 -8.06 20.52 1.53
N LYS A 235 -7.50 21.73 1.51
CA LYS A 235 -6.16 21.98 0.97
C LYS A 235 -5.12 21.61 2.02
N PRO A 236 -3.96 21.06 1.58
CA PRO A 236 -2.92 20.50 2.47
C PRO A 236 -2.50 21.41 3.63
#